data_2IHN
#
_entry.id   2IHN
#
_cell.length_a   68.160
_cell.length_b   84.990
_cell.length_c   89.290
_cell.angle_alpha   90.00
_cell.angle_beta   90.00
_cell.angle_gamma   90.00
#
_symmetry.space_group_name_H-M   'P 21 21 21'
#
loop_
_entity.id
_entity.type
_entity.pdbx_description
1 polymer "5'-D(*CP*TP*AP*AP*CP*TP*TP*TP*GP*AP*GP*GP*CP*AP*GP*AP*CP*C)-3'"
2 polymer "5'-D(*GP*GP*TP*CP*TP*GP*CP*CP*TP*CP*AP*AP*GP*AP*CP*GP*GP*TP*AP*GP*TP*CP*AP*A)-3'"
3 polymer 'Ribonuclease H'
4 water water
#
loop_
_entity_poly.entity_id
_entity_poly.type
_entity_poly.pdbx_seq_one_letter_code
_entity_poly.pdbx_strand_id
1 'polydeoxyribonucleotide' (DC)(DT)(DA)(DA)(DC)(DT)(DT)(DT)(DG)(DA)(DG)(DG)(DC)(DA)(DG)(DA)(DC)(DC) C
2 'polydeoxyribonucleotide'
;(DG)(DG)(DT)(DC)(DT)(DG)(DC)(DC)(DT)(DC)(DA)(DA)(DG)(DA)(DC)(DG)(DG)(DT)(DA)(DG)
(DT)(DC)(DA)(DA)
;
D
3 'polypeptide(L)'
;MDLEMMLDEDYKEGICLIDFSQIALSTALVNFPDKEKINLSMVRHLILNSIKFNVKKAKTLGYTKIVLCIDNAKSGYWRR
DFAYYYKKNRGKAREESTWDWEGYFESSHKVIDELKAYMPYIVMDIDKYEANDHIAVLVKKFSLEGHKILIISSDGDFTQ
LHKYPNVKQWSPMHKKWVKIKSGSAEIDCMTKILKGDKKDNVASVKVRSDFWFTRVEGERTPSMKTSIVEAIANDREQAK
VLLTESEYNRYKENLVLIDFDYIPDNIASNIVNYYNSYKLPPRGKIYSYFVKAGLSKLTNSINEF
;
A
#
# COMPACT_ATOMS: atom_id res chain seq x y z
N MET C 1 -7.51 -20.33 19.72
CA MET C 1 -6.32 -20.74 20.54
C MET C 1 -5.31 -19.61 20.69
N ASP C 2 -4.86 -19.38 21.94
CA ASP C 2 -3.70 -18.51 22.22
C ASP C 2 -3.24 -18.69 23.69
N LEU C 3 -2.74 -19.90 23.98
CA LEU C 3 -2.09 -20.25 25.26
C LEU C 3 -0.60 -20.15 24.94
N GLU C 4 0.12 -19.26 25.65
CA GLU C 4 1.33 -18.72 25.04
C GLU C 4 2.58 -18.31 25.86
N MET C 5 3.62 -18.05 25.05
CA MET C 5 4.84 -17.37 25.40
C MET C 5 4.99 -16.28 24.28
N MET C 6 4.67 -15.01 24.64
CA MET C 6 4.76 -13.84 23.74
C MET C 6 5.46 -12.70 24.50
N LEU C 7 6.80 -12.64 24.37
CA LEU C 7 7.63 -11.84 25.29
C LEU C 7 7.25 -10.33 25.33
N ASP C 8 6.88 -9.89 26.53
CA ASP C 8 6.77 -8.49 26.98
C ASP C 8 6.85 -7.35 25.93
N GLU C 9 5.70 -7.08 25.29
CA GLU C 9 5.55 -6.11 24.18
C GLU C 9 4.92 -4.77 24.56
N ASP C 10 3.62 -4.61 24.31
CA ASP C 10 2.94 -3.35 24.51
C ASP C 10 1.45 -3.46 24.46
N TYR C 11 0.82 -2.63 25.29
CA TYR C 11 -0.62 -2.56 25.40
C TYR C 11 -1.25 -2.13 24.11
N LYS C 12 -0.76 -1.01 23.60
CA LYS C 12 -1.20 -0.53 22.30
C LYS C 12 -0.47 -1.39 21.29
N GLU C 13 -1.22 -2.39 20.84
CA GLU C 13 -0.75 -3.45 19.98
C GLU C 13 0.15 -2.94 18.84
N GLY C 14 1.23 -3.66 18.58
CA GLY C 14 2.01 -3.45 17.33
C GLY C 14 1.19 -3.93 16.15
N ILE C 15 1.18 -3.19 15.05
CA ILE C 15 0.29 -3.54 13.92
C ILE C 15 1.06 -3.63 12.59
N CYS C 16 0.68 -4.55 11.74
CA CYS C 16 1.38 -4.73 10.49
C CYS C 16 0.42 -4.52 9.36
N LEU C 17 0.61 -3.42 8.66
CA LEU C 17 -0.17 -3.20 7.49
C LEU C 17 0.61 -3.72 6.34
N ILE C 18 -0.09 -4.45 5.47
CA ILE C 18 0.53 -5.19 4.40
C ILE C 18 -0.03 -4.72 3.09
N ASP C 19 0.87 -4.19 2.28
CA ASP C 19 0.48 -3.83 0.96
C ASP C 19 0.21 -5.10 0.16
N PHE C 20 -0.98 -5.66 0.36
CA PHE C 20 -1.32 -6.89 -0.29
C PHE C 20 -1.05 -7.01 -1.81
N SER C 21 -1.54 -6.03 -2.56
CA SER C 21 -1.54 -6.12 -3.99
C SER C 21 -0.10 -6.02 -4.48
N GLN C 22 0.83 -5.84 -3.54
CA GLN C 22 2.23 -6.03 -3.89
C GLN C 22 2.58 -7.47 -3.74
N ILE C 23 2.84 -7.89 -2.51
CA ILE C 23 3.23 -9.28 -2.20
C ILE C 23 2.55 -10.42 -3.03
N ALA C 24 1.26 -10.33 -3.31
CA ALA C 24 0.70 -11.27 -4.25
C ALA C 24 1.16 -10.94 -5.69
N LEU C 25 0.84 -9.79 -6.25
CA LEU C 25 1.11 -9.61 -7.68
C LEU C 25 2.55 -9.85 -8.03
N SER C 26 3.44 -9.14 -7.35
CA SER C 26 4.82 -9.14 -7.75
C SER C 26 5.52 -10.41 -7.32
N THR C 27 4.90 -11.16 -6.38
CA THR C 27 5.40 -12.53 -6.17
C THR C 27 4.95 -13.44 -7.33
N ALA C 28 3.70 -13.34 -7.75
CA ALA C 28 3.24 -14.05 -8.94
C ALA C 28 4.14 -13.74 -10.12
N LEU C 29 4.46 -12.46 -10.30
CA LEU C 29 5.30 -12.08 -11.43
C LEU C 29 6.69 -12.72 -11.42
N VAL C 30 7.39 -12.79 -10.29
CA VAL C 30 8.70 -13.45 -10.34
C VAL C 30 8.60 -14.96 -10.29
N ASN C 31 7.50 -15.52 -9.78
CA ASN C 31 7.41 -16.96 -9.57
C ASN C 31 6.73 -17.80 -10.64
N PHE C 32 5.88 -17.17 -11.46
CA PHE C 32 5.16 -17.84 -12.53
C PHE C 32 5.66 -17.49 -13.95
N PRO C 33 6.20 -18.48 -14.70
CA PRO C 33 6.50 -18.47 -16.17
C PRO C 33 5.49 -17.82 -17.14
N ASP C 34 5.97 -17.61 -18.37
CA ASP C 34 5.23 -17.07 -19.54
C ASP C 34 4.12 -17.91 -20.20
N LYS C 35 3.16 -17.23 -20.87
CA LYS C 35 1.84 -17.84 -21.24
C LYS C 35 1.76 -19.33 -21.02
N GLU C 36 1.40 -19.63 -19.76
CA GLU C 36 0.99 -20.94 -19.25
C GLU C 36 -0.13 -20.61 -18.27
N LYS C 37 -1.30 -21.23 -18.46
CA LYS C 37 -2.55 -20.77 -17.82
C LYS C 37 -2.36 -20.81 -16.31
N ILE C 38 -2.42 -19.62 -15.67
CA ILE C 38 -2.22 -19.50 -14.21
C ILE C 38 -3.51 -19.93 -13.54
N ASN C 39 -3.41 -20.96 -12.71
CA ASN C 39 -4.61 -21.57 -12.17
C ASN C 39 -4.82 -21.29 -10.68
N LEU C 40 -6.06 -21.47 -10.25
CA LEU C 40 -6.45 -21.07 -8.92
C LEU C 40 -5.56 -21.68 -7.85
N SER C 41 -5.07 -22.89 -8.01
CA SER C 41 -4.25 -23.47 -6.94
C SER C 41 -2.87 -22.92 -6.98
N MET C 42 -2.43 -22.60 -8.18
CA MET C 42 -1.15 -21.95 -8.30
C MET C 42 -1.30 -20.67 -7.53
N VAL C 43 -2.37 -19.92 -7.81
CA VAL C 43 -2.52 -18.63 -7.18
C VAL C 43 -2.63 -18.66 -5.64
N ARG C 44 -3.58 -19.45 -5.14
CA ARG C 44 -3.84 -19.66 -3.71
C ARG C 44 -2.56 -20.01 -2.96
N HIS C 45 -1.89 -21.10 -3.32
CA HIS C 45 -0.61 -21.43 -2.69
C HIS C 45 0.30 -20.23 -2.59
N LEU C 46 0.48 -19.49 -3.69
CA LEU C 46 1.43 -18.43 -3.62
C LEU C 46 1.01 -17.49 -2.52
N ILE C 47 -0.27 -17.11 -2.50
CA ILE C 47 -0.76 -16.05 -1.65
C ILE C 47 -0.64 -16.48 -0.21
N LEU C 48 -0.93 -17.74 0.06
CA LEU C 48 -0.82 -18.15 1.44
C LEU C 48 0.59 -18.39 1.89
N ASN C 49 1.43 -18.83 0.98
CA ASN C 49 2.81 -19.04 1.41
C ASN C 49 3.42 -17.66 1.69
N SER C 50 2.85 -16.65 1.04
CA SER C 50 3.42 -15.34 1.02
C SER C 50 2.95 -14.61 2.26
N ILE C 51 1.71 -14.89 2.66
CA ILE C 51 1.08 -14.40 3.90
C ILE C 51 1.84 -15.00 5.09
N LYS C 52 2.03 -16.31 5.07
CA LYS C 52 2.77 -17.03 6.10
C LYS C 52 4.15 -16.39 6.32
N PHE C 53 4.95 -16.34 5.25
CA PHE C 53 6.30 -15.77 5.27
C PHE C 53 6.26 -14.44 6.02
N ASN C 54 5.50 -13.50 5.46
CA ASN C 54 5.40 -12.15 5.98
C ASN C 54 4.91 -12.13 7.43
N VAL C 55 3.79 -12.78 7.70
CA VAL C 55 3.32 -12.85 9.06
C VAL C 55 4.40 -13.32 10.08
N LYS C 56 5.21 -14.32 9.71
CA LYS C 56 6.26 -14.80 10.62
C LYS C 56 7.10 -13.61 10.98
N LYS C 57 7.65 -12.92 9.99
CA LYS C 57 8.43 -11.68 10.23
C LYS C 57 7.63 -10.73 11.14
N ALA C 58 6.34 -10.53 10.80
CA ALA C 58 5.56 -9.51 11.47
C ALA C 58 5.34 -9.90 12.91
N LYS C 59 4.89 -11.13 13.12
CA LYS C 59 4.76 -11.64 14.49
C LYS C 59 6.10 -11.81 15.21
N THR C 60 7.16 -12.20 14.53
CA THR C 60 8.42 -12.23 15.27
C THR C 60 9.10 -10.87 15.39
N LEU C 61 8.35 -9.78 15.43
CA LEU C 61 9.01 -8.50 15.58
C LEU C 61 8.29 -7.64 16.58
N GLY C 62 7.09 -8.07 16.99
CA GLY C 62 6.29 -7.26 17.93
C GLY C 62 4.89 -6.93 17.43
N TYR C 63 4.72 -7.09 16.11
CA TYR C 63 3.53 -6.68 15.35
C TYR C 63 2.61 -7.89 15.28
N THR C 64 1.35 -7.75 15.72
CA THR C 64 0.48 -8.94 15.91
C THR C 64 -0.89 -8.87 15.26
N LYS C 65 -1.46 -7.68 15.20
CA LYS C 65 -2.70 -7.48 14.49
C LYS C 65 -2.26 -7.17 13.06
N ILE C 66 -2.54 -8.12 12.14
CA ILE C 66 -2.20 -8.00 10.70
C ILE C 66 -3.37 -7.45 9.90
N VAL C 67 -3.10 -6.61 8.91
CA VAL C 67 -4.18 -6.07 8.11
C VAL C 67 -3.77 -6.27 6.69
N LEU C 68 -4.67 -6.74 5.82
CA LEU C 68 -4.37 -6.84 4.39
C LEU C 68 -5.11 -5.78 3.62
N CYS C 69 -4.35 -4.92 2.94
CA CYS C 69 -4.90 -3.79 2.18
C CYS C 69 -4.90 -3.98 0.66
N ILE C 70 -6.05 -3.85 0.02
CA ILE C 70 -6.19 -4.35 -1.31
C ILE C 70 -6.62 -3.20 -2.18
N ASP C 71 -6.26 -3.22 -3.47
CA ASP C 71 -6.73 -2.15 -4.33
C ASP C 71 -8.12 -2.48 -4.73
N ASN C 72 -9.04 -1.53 -4.63
CA ASN C 72 -10.31 -1.76 -5.27
C ASN C 72 -10.72 -0.61 -6.21
N ALA C 73 -10.57 -0.84 -7.51
CA ALA C 73 -10.84 0.16 -8.52
C ALA C 73 -12.13 -0.09 -9.32
N LYS C 74 -12.92 -1.07 -8.91
CA LYS C 74 -14.19 -1.41 -9.57
C LYS C 74 -14.94 -0.22 -10.11
N SER C 75 -15.22 0.77 -9.27
CA SER C 75 -15.95 1.98 -9.71
C SER C 75 -15.04 3.16 -9.98
N GLY C 76 -13.73 2.89 -10.12
CA GLY C 76 -12.73 3.93 -10.42
C GLY C 76 -12.19 4.54 -9.14
N TYR C 77 -10.88 4.71 -9.04
CA TYR C 77 -10.31 5.26 -7.79
C TYR C 77 -10.83 6.67 -7.59
N TRP C 78 -10.87 7.16 -6.36
CA TRP C 78 -11.30 8.52 -6.17
C TRP C 78 -10.31 9.51 -6.73
N ARG C 79 -9.02 9.15 -6.59
CA ARG C 79 -7.93 9.99 -7.12
C ARG C 79 -8.08 10.09 -8.62
N ARG C 80 -8.43 8.99 -9.28
CA ARG C 80 -8.69 9.03 -10.72
C ARG C 80 -9.99 9.79 -11.17
N ASP C 81 -10.94 9.98 -10.24
CA ASP C 81 -12.12 10.81 -10.45
C ASP C 81 -11.70 12.26 -10.41
N PHE C 82 -10.76 12.57 -9.52
CA PHE C 82 -10.24 13.93 -9.45
C PHE C 82 -9.32 14.22 -10.62
N ALA C 83 -8.56 13.22 -11.08
CA ALA C 83 -7.58 13.41 -12.13
C ALA C 83 -7.52 12.13 -12.95
N TYR C 84 -8.10 12.18 -14.15
CA TYR C 84 -8.30 10.99 -14.95
C TYR C 84 -6.97 10.31 -15.38
N TYR C 85 -5.85 11.05 -15.44
CA TYR C 85 -4.59 10.49 -15.95
C TYR C 85 -3.95 9.58 -14.87
N TYR C 86 -4.40 9.74 -13.62
CA TYR C 86 -3.73 9.12 -12.47
C TYR C 86 -3.54 7.63 -12.63
N LYS C 87 -2.31 7.19 -12.65
CA LYS C 87 -2.05 5.74 -12.82
C LYS C 87 -2.70 5.15 -14.03
N LYS C 88 -3.00 5.94 -15.06
CA LYS C 88 -3.59 5.33 -16.22
C LYS C 88 -2.48 4.62 -16.96
N ASN C 89 -1.27 5.16 -16.84
CA ASN C 89 -0.03 4.52 -17.38
C ASN C 89 -0.11 4.10 -18.87
N ARG C 90 0.57 4.87 -19.73
CA ARG C 90 0.47 4.73 -21.18
C ARG C 90 1.81 5.09 -21.81
N SER C 97 2.61 -8.96 -21.54
CA SER C 97 1.54 -9.76 -22.15
C SER C 97 2.10 -10.95 -22.91
N THR C 98 2.00 -12.10 -22.25
CA THR C 98 2.29 -13.46 -22.71
C THR C 98 2.20 -14.11 -21.34
N TRP C 99 2.32 -13.28 -20.30
CA TRP C 99 2.07 -13.70 -18.94
C TRP C 99 0.55 -13.72 -18.75
N ASP C 100 0.02 -14.70 -18.04
CA ASP C 100 -1.45 -14.83 -17.97
C ASP C 100 -2.12 -13.84 -17.00
N TRP C 101 -2.11 -12.54 -17.34
CA TRP C 101 -2.68 -11.52 -16.46
C TRP C 101 -4.04 -11.89 -15.90
N GLU C 102 -4.92 -12.23 -16.84
CA GLU C 102 -6.33 -12.56 -16.62
C GLU C 102 -6.53 -13.82 -15.79
N GLY C 103 -5.57 -14.74 -15.90
CA GLY C 103 -5.59 -15.98 -15.19
C GLY C 103 -5.26 -15.65 -13.77
N TYR C 104 -4.23 -14.84 -13.60
CA TYR C 104 -3.84 -14.44 -12.27
C TYR C 104 -4.98 -13.66 -11.65
N PHE C 105 -5.60 -12.74 -12.40
CA PHE C 105 -6.61 -11.89 -11.76
C PHE C 105 -7.82 -12.66 -11.31
N GLU C 106 -8.42 -13.44 -12.20
CA GLU C 106 -9.70 -14.08 -11.91
C GLU C 106 -9.51 -14.97 -10.73
N SER C 107 -8.38 -15.67 -10.71
CA SER C 107 -7.96 -16.49 -9.58
C SER C 107 -7.83 -15.77 -8.25
N SER C 108 -7.20 -14.60 -8.23
CA SER C 108 -6.90 -13.88 -6.96
C SER C 108 -8.11 -13.24 -6.31
N HIS C 109 -9.04 -12.76 -7.13
CA HIS C 109 -10.35 -12.38 -6.62
C HIS C 109 -10.94 -13.52 -5.85
N LYS C 110 -11.00 -14.71 -6.44
CA LYS C 110 -11.53 -15.84 -5.66
C LYS C 110 -10.86 -15.97 -4.26
N VAL C 111 -9.53 -16.09 -4.24
CA VAL C 111 -8.71 -16.19 -3.01
C VAL C 111 -8.96 -15.04 -2.03
N ILE C 112 -9.07 -13.81 -2.53
CA ILE C 112 -9.37 -12.70 -1.64
C ILE C 112 -10.63 -13.06 -0.82
N ASP C 113 -11.73 -13.38 -1.50
CA ASP C 113 -12.97 -13.77 -0.83
C ASP C 113 -12.78 -14.83 0.27
N GLU C 114 -11.85 -15.75 0.05
CA GLU C 114 -11.68 -16.83 0.95
C GLU C 114 -10.98 -16.30 2.14
N LEU C 115 -10.12 -15.31 1.93
CA LEU C 115 -9.36 -14.71 3.04
C LEU C 115 -10.30 -13.92 3.90
N LYS C 116 -11.19 -13.16 3.26
CA LYS C 116 -12.17 -12.38 3.97
C LYS C 116 -12.96 -13.36 4.80
N ALA C 117 -13.29 -14.48 4.14
CA ALA C 117 -14.03 -15.64 4.73
C ALA C 117 -13.32 -16.42 5.85
N TYR C 118 -12.17 -17.01 5.57
CA TYR C 118 -11.68 -18.03 6.51
C TYR C 118 -10.48 -17.68 7.42
N MET C 119 -9.91 -16.49 7.29
CA MET C 119 -8.61 -16.17 7.93
C MET C 119 -8.65 -15.06 8.98
N PRO C 120 -7.60 -14.97 9.83
CA PRO C 120 -7.62 -14.03 10.98
C PRO C 120 -7.23 -12.55 10.72
N TYR C 121 -7.44 -12.06 9.48
CA TYR C 121 -6.87 -10.75 9.07
C TYR C 121 -7.91 -9.77 8.68
N ILE C 122 -7.72 -8.52 9.06
CA ILE C 122 -8.66 -7.51 8.65
C ILE C 122 -8.35 -7.29 7.19
N VAL C 123 -9.32 -7.53 6.32
CA VAL C 123 -9.03 -7.35 4.90
C VAL C 123 -9.65 -6.05 4.50
N MET C 124 -8.82 -5.00 4.50
CA MET C 124 -9.34 -3.70 4.10
C MET C 124 -9.51 -3.68 2.59
N ASP C 125 -10.75 -3.74 2.10
CA ASP C 125 -11.03 -3.66 0.68
C ASP C 125 -12.36 -2.90 0.49
N ILE C 126 -12.27 -1.71 -0.10
CA ILE C 126 -13.47 -0.87 -0.26
C ILE C 126 -13.46 -0.29 -1.65
N ASP C 127 -14.46 -0.65 -2.43
CA ASP C 127 -14.46 -0.29 -3.82
C ASP C 127 -14.36 1.22 -3.97
N LYS C 128 -13.26 1.72 -4.54
CA LYS C 128 -13.07 3.12 -4.93
C LYS C 128 -11.82 3.75 -4.28
N TYR C 129 -11.37 3.07 -3.19
CA TYR C 129 -10.20 3.47 -2.39
C TYR C 129 -8.98 2.51 -2.77
N GLU C 130 -7.76 3.04 -2.62
CA GLU C 130 -6.58 2.28 -3.03
C GLU C 130 -5.98 1.53 -1.87
N ALA C 131 -5.00 0.65 -2.10
CA ALA C 131 -4.40 0.11 -0.85
C ALA C 131 -3.68 1.18 -0.03
N ASN C 132 -3.05 2.13 -0.75
CA ASN C 132 -2.37 3.22 -0.12
C ASN C 132 -3.24 4.05 0.83
N ASP C 133 -4.53 4.18 0.54
CA ASP C 133 -5.42 4.94 1.39
C ASP C 133 -5.58 4.20 2.71
N HIS C 134 -5.81 2.91 2.64
CA HIS C 134 -6.00 2.17 3.87
C HIS C 134 -4.77 2.31 4.73
N ILE C 135 -3.62 2.01 4.10
CA ILE C 135 -2.35 2.00 4.80
C ILE C 135 -2.06 3.41 5.35
N ALA C 136 -2.13 4.41 4.48
CA ALA C 136 -1.84 5.78 4.85
C ALA C 136 -2.71 6.19 6.03
N VAL C 137 -3.99 5.95 5.94
CA VAL C 137 -4.93 6.41 6.96
C VAL C 137 -4.70 5.69 8.27
N LEU C 138 -4.61 4.38 8.23
CA LEU C 138 -4.57 3.60 9.43
C LEU C 138 -3.25 3.82 10.12
N VAL C 139 -2.22 4.13 9.36
CA VAL C 139 -0.97 4.46 10.01
C VAL C 139 -1.05 5.80 10.72
N LYS C 140 -1.73 6.77 10.10
CA LYS C 140 -1.91 8.06 10.74
C LYS C 140 -2.64 7.91 12.06
N LYS C 141 -3.68 7.08 12.07
CA LYS C 141 -4.54 6.95 13.24
C LYS C 141 -3.81 6.34 14.37
N PHE C 142 -3.12 5.24 14.09
CA PHE C 142 -2.64 4.43 15.20
C PHE C 142 -1.31 4.92 15.60
N SER C 143 -0.51 5.33 14.63
CA SER C 143 0.78 5.85 15.00
C SER C 143 0.57 6.95 16.03
N LEU C 144 -0.45 7.79 15.82
CA LEU C 144 -0.70 8.84 16.80
C LEU C 144 -1.35 8.24 18.03
N GLU C 145 -2.12 7.16 17.87
CA GLU C 145 -2.79 6.57 19.04
C GLU C 145 -1.90 5.74 19.94
N GLY C 146 -0.59 5.73 19.73
CA GLY C 146 0.26 4.96 20.61
C GLY C 146 0.74 3.59 20.14
N HIS C 147 0.13 3.00 19.09
CA HIS C 147 0.62 1.73 18.50
C HIS C 147 2.00 1.85 17.76
N LYS C 148 2.67 0.71 17.53
CA LYS C 148 3.93 0.69 16.75
C LYS C 148 3.43 0.14 15.44
N ILE C 149 4.02 0.51 14.29
CA ILE C 149 3.49 0.13 12.98
C ILE C 149 4.57 -0.41 12.07
N LEU C 150 4.24 -1.37 11.22
CA LEU C 150 5.18 -1.86 10.25
C LEU C 150 4.42 -2.01 8.96
N ILE C 151 4.77 -1.17 7.98
CA ILE C 151 4.22 -1.26 6.62
C ILE C 151 5.07 -2.25 5.83
N ILE C 152 4.45 -3.31 5.33
CA ILE C 152 5.19 -4.26 4.59
C ILE C 152 4.94 -3.89 3.17
N SER C 153 5.94 -3.35 2.52
CA SER C 153 5.76 -2.92 1.15
C SER C 153 7.00 -2.19 0.65
N SER C 154 7.35 -2.38 -0.60
CA SER C 154 8.51 -1.67 -1.19
C SER C 154 8.12 -0.39 -1.92
N ASP C 155 6.89 0.10 -1.68
CA ASP C 155 6.41 1.24 -2.40
C ASP C 155 7.01 2.48 -1.80
N GLY C 156 7.89 3.13 -2.54
CA GLY C 156 8.60 4.27 -2.00
C GLY C 156 7.67 5.34 -1.52
N ASP C 157 6.50 5.43 -2.14
CA ASP C 157 5.44 6.39 -1.72
C ASP C 157 5.07 6.45 -0.23
N PHE C 158 5.42 5.41 0.53
CA PHE C 158 5.06 5.31 1.88
C PHE C 158 6.08 5.97 2.70
N THR C 159 7.14 6.42 2.07
CA THR C 159 8.18 7.00 2.93
C THR C 159 7.69 8.27 3.61
N GLN C 160 6.76 9.00 2.99
CA GLN C 160 6.13 10.15 3.67
C GLN C 160 5.47 9.78 4.98
N LEU C 161 5.12 8.51 5.17
CA LEU C 161 4.46 8.13 6.39
C LEU C 161 5.45 7.95 7.54
N HIS C 162 6.72 7.90 7.20
CA HIS C 162 7.74 7.87 8.28
C HIS C 162 7.79 9.13 9.16
N LYS C 163 7.12 10.24 8.79
CA LYS C 163 7.07 11.44 9.70
C LYS C 163 6.37 11.12 11.00
N TYR C 164 5.72 9.97 11.05
CA TYR C 164 4.85 9.65 12.15
C TYR C 164 5.66 8.76 13.05
N PRO C 165 5.39 8.75 14.37
CA PRO C 165 6.29 8.02 15.26
C PRO C 165 6.13 6.52 15.16
N ASN C 166 7.26 5.81 15.20
CA ASN C 166 7.26 4.36 15.34
C ASN C 166 6.62 3.76 14.13
N VAL C 167 7.15 4.16 12.97
CA VAL C 167 6.73 3.63 11.69
C VAL C 167 7.98 3.07 11.04
N LYS C 168 7.99 1.78 10.70
CA LYS C 168 9.18 1.19 10.07
C LYS C 168 8.59 0.54 8.91
N GLN C 169 9.39 0.27 7.89
CA GLN C 169 8.86 -0.32 6.68
C GLN C 169 9.82 -1.39 6.17
N TRP C 170 9.25 -2.55 5.80
CA TRP C 170 9.96 -3.68 5.30
C TRP C 170 9.62 -3.86 3.84
N SER C 171 10.62 -4.10 2.99
CA SER C 171 10.36 -4.46 1.61
C SER C 171 10.32 -5.97 1.44
N PRO C 172 9.12 -6.54 1.17
CA PRO C 172 8.98 -7.96 0.92
C PRO C 172 9.90 -8.56 -0.15
N MET C 173 10.15 -7.80 -1.23
CA MET C 173 10.95 -8.30 -2.37
C MET C 173 12.43 -8.35 -1.99
N HIS C 174 12.98 -7.21 -1.62
CA HIS C 174 14.42 -7.10 -1.55
C HIS C 174 14.99 -7.45 -0.17
N LYS C 175 14.12 -7.73 0.81
CA LYS C 175 14.59 -8.14 2.13
C LYS C 175 15.42 -7.07 2.92
N LYS C 176 15.23 -5.79 2.63
CA LYS C 176 15.86 -4.74 3.46
C LYS C 176 14.78 -3.94 4.20
N TRP C 177 15.19 -3.04 5.08
CA TRP C 177 14.25 -2.12 5.68
C TRP C 177 14.12 -0.98 4.71
N VAL C 178 12.89 -0.57 4.38
CA VAL C 178 12.74 0.60 3.53
C VAL C 178 13.16 1.82 4.32
N LYS C 179 14.15 2.51 3.77
CA LYS C 179 14.86 3.58 4.43
C LYS C 179 14.42 4.92 3.83
N ILE C 180 14.15 5.87 4.73
CA ILE C 180 13.89 7.29 4.42
C ILE C 180 14.93 7.80 3.43
N LYS C 181 14.47 8.42 2.35
CA LYS C 181 15.33 8.64 1.17
C LYS C 181 15.65 10.10 0.92
N SER C 182 16.87 10.48 1.33
CA SER C 182 17.35 11.87 1.32
C SER C 182 16.51 12.83 2.20
N GLY C 183 17.02 13.01 3.44
CA GLY C 183 16.73 14.19 4.31
C GLY C 183 15.77 13.95 5.45
N SER C 184 14.48 14.21 5.20
CA SER C 184 13.45 13.73 6.08
C SER C 184 12.34 13.12 5.19
N ALA C 185 11.25 12.61 5.79
CA ALA C 185 10.02 12.25 5.09
C ALA C 185 9.27 13.49 4.62
N GLU C 186 9.37 14.59 5.37
CA GLU C 186 8.67 15.80 4.92
C GLU C 186 9.13 16.23 3.54
N ILE C 187 10.45 16.08 3.30
CA ILE C 187 11.15 16.45 2.08
C ILE C 187 10.83 15.43 0.96
N ASP C 188 10.85 14.17 1.38
CA ASP C 188 10.58 13.09 0.49
C ASP C 188 9.19 13.28 -0.13
N CYS C 189 8.22 13.50 0.75
CA CYS C 189 6.90 13.84 0.29
C CYS C 189 6.93 15.04 -0.71
N MET C 190 7.59 16.14 -0.34
CA MET C 190 7.64 17.36 -1.13
C MET C 190 8.33 17.18 -2.51
N THR C 191 9.13 16.13 -2.66
CA THR C 191 9.76 15.83 -3.92
C THR C 191 8.72 15.20 -4.81
N LYS C 192 7.91 14.29 -4.26
CA LYS C 192 6.99 13.59 -5.11
C LYS C 192 5.85 14.60 -5.38
N ILE C 193 5.64 15.55 -4.47
CA ILE C 193 4.68 16.58 -4.72
C ILE C 193 5.06 17.53 -5.88
N LEU C 194 6.32 17.98 -5.89
CA LEU C 194 6.76 19.02 -6.79
C LEU C 194 7.29 18.43 -8.08
N LYS C 195 8.13 17.41 -7.97
CA LYS C 195 8.66 16.85 -9.17
C LYS C 195 7.74 15.77 -9.72
N GLY C 196 6.74 15.33 -8.95
CA GLY C 196 5.83 14.32 -9.44
C GLY C 196 6.33 12.90 -9.24
N ASP C 197 5.54 11.92 -9.71
CA ASP C 197 5.80 10.54 -9.40
C ASP C 197 5.55 9.73 -10.69
N LYS C 198 6.61 9.46 -11.46
CA LYS C 198 6.44 8.83 -12.76
C LYS C 198 5.68 7.57 -12.66
N LYS C 199 6.04 6.70 -11.73
CA LYS C 199 5.38 5.38 -11.71
C LYS C 199 3.88 5.58 -11.47
N ASP C 200 3.46 6.64 -10.76
CA ASP C 200 2.04 6.96 -10.57
C ASP C 200 1.48 7.84 -11.64
N ASN C 201 2.28 8.17 -12.68
CA ASN C 201 1.81 9.13 -13.72
C ASN C 201 1.62 10.57 -13.23
N VAL C 202 2.18 10.92 -12.07
CA VAL C 202 2.11 12.29 -11.60
C VAL C 202 3.28 13.06 -12.18
N ALA C 203 2.99 14.17 -12.84
CA ALA C 203 4.02 15.04 -13.42
C ALA C 203 4.55 16.07 -12.41
N SER C 204 5.69 16.67 -12.75
CA SER C 204 6.26 17.83 -12.10
C SER C 204 5.22 18.94 -12.10
N VAL C 205 5.38 19.89 -11.21
CA VAL C 205 4.46 21.02 -11.23
C VAL C 205 4.89 22.06 -12.27
N LYS C 206 5.96 21.78 -13.05
CA LYS C 206 6.53 22.73 -14.00
C LYS C 206 5.98 22.36 -15.41
N VAL C 207 5.01 21.46 -15.50
CA VAL C 207 4.44 21.05 -16.81
C VAL C 207 2.94 20.82 -16.68
N ARG C 208 2.24 20.55 -17.78
CA ARG C 208 0.79 20.23 -17.65
C ARG C 208 0.40 19.11 -16.70
N SER C 209 -0.87 19.08 -16.32
CA SER C 209 -1.39 17.96 -15.51
C SER C 209 -1.06 16.59 -16.08
N ASP C 210 -1.67 16.26 -17.22
CA ASP C 210 -1.52 14.92 -17.78
C ASP C 210 -0.27 14.81 -18.68
N PHE C 211 0.77 15.56 -18.34
CA PHE C 211 2.00 15.37 -19.04
C PHE C 211 2.36 13.93 -19.36
N TRP C 212 2.37 13.03 -18.38
CA TRP C 212 2.90 11.69 -18.67
C TRP C 212 1.99 10.96 -19.63
N PHE C 213 0.69 11.24 -19.57
CA PHE C 213 -0.28 10.55 -20.41
C PHE C 213 -0.44 11.16 -21.81
N THR C 214 0.22 12.30 -22.09
CA THR C 214 0.04 13.01 -23.35
C THR C 214 1.29 13.57 -23.96
N ARG C 215 2.45 13.33 -23.39
CA ARG C 215 3.64 14.02 -23.96
C ARG C 215 4.01 13.55 -25.37
N VAL C 216 4.37 14.52 -26.20
CA VAL C 216 4.91 14.26 -27.54
C VAL C 216 6.39 14.07 -27.36
N GLU C 217 7.01 13.45 -28.36
CA GLU C 217 8.43 13.19 -28.28
C GLU C 217 9.21 14.47 -28.36
N GLY C 218 10.22 14.56 -27.53
CA GLY C 218 11.06 15.71 -27.55
C GLY C 218 10.90 16.45 -26.24
N GLU C 219 9.85 16.06 -25.51
CA GLU C 219 9.44 16.84 -24.34
C GLU C 219 10.19 16.51 -23.05
N ARG C 220 10.52 17.57 -22.31
CA ARG C 220 11.32 17.44 -21.12
C ARG C 220 10.72 18.28 -20.03
N THR C 221 10.87 17.81 -18.80
CA THR C 221 10.40 18.58 -17.69
C THR C 221 11.49 19.52 -17.32
N PRO C 222 11.15 20.81 -17.25
CA PRO C 222 12.07 21.84 -16.82
C PRO C 222 12.64 21.47 -15.46
N SER C 223 13.94 21.57 -15.31
CA SER C 223 14.62 21.36 -14.02
C SER C 223 13.98 22.01 -12.78
N MET C 224 13.85 21.22 -11.69
CA MET C 224 13.36 21.74 -10.43
C MET C 224 14.51 21.78 -9.40
N LYS C 225 14.96 22.98 -9.05
CA LYS C 225 15.97 23.12 -8.02
C LYS C 225 15.48 22.45 -6.73
N THR C 226 16.33 21.57 -6.19
CA THR C 226 16.28 21.09 -4.81
C THR C 226 16.11 22.18 -3.77
N SER C 227 16.78 23.33 -3.94
CA SER C 227 16.59 24.52 -3.06
C SER C 227 15.14 24.77 -2.88
N ILE C 228 14.40 24.75 -3.99
CA ILE C 228 13.00 25.06 -3.91
C ILE C 228 12.30 23.96 -3.19
N VAL C 229 12.68 22.72 -3.48
CA VAL C 229 12.05 21.64 -2.77
C VAL C 229 12.24 21.75 -1.24
N GLU C 230 13.46 22.03 -0.80
CA GLU C 230 13.78 21.91 0.61
C GLU C 230 13.09 22.98 1.43
N ALA C 231 13.05 24.16 0.79
CA ALA C 231 12.46 25.35 1.34
C ALA C 231 10.97 25.10 1.63
N ILE C 232 10.24 24.72 0.57
CA ILE C 232 8.80 24.55 0.59
C ILE C 232 8.43 23.46 1.58
N ALA C 233 9.23 22.39 1.57
CA ALA C 233 9.13 21.33 2.53
C ALA C 233 9.24 21.86 3.94
N ASN C 234 10.02 22.91 4.14
CA ASN C 234 10.16 23.50 5.47
C ASN C 234 9.23 24.64 5.82
N ASP C 235 8.40 25.01 4.86
CA ASP C 235 7.51 26.09 5.04
C ASP C 235 6.69 26.06 3.77
N ARG C 236 5.60 25.31 3.79
CA ARG C 236 4.76 25.20 2.63
C ARG C 236 4.11 26.52 2.28
N GLU C 237 4.41 27.57 3.06
CA GLU C 237 3.87 28.91 2.79
C GLU C 237 4.69 29.49 1.68
N GLN C 238 5.86 28.89 1.48
CA GLN C 238 6.70 29.22 0.37
C GLN C 238 6.18 28.74 -1.00
N ALA C 239 5.17 27.89 -1.04
CA ALA C 239 4.66 27.48 -2.31
C ALA C 239 4.13 28.69 -3.02
N LYS C 240 3.64 29.65 -2.26
CA LYS C 240 3.00 30.80 -2.86
C LYS C 240 4.06 31.76 -3.42
N VAL C 241 5.29 31.65 -2.92
CA VAL C 241 6.30 32.57 -3.39
C VAL C 241 7.24 31.90 -4.39
N LEU C 242 7.93 30.85 -3.97
CA LEU C 242 8.79 30.14 -4.89
C LEU C 242 8.12 29.68 -6.18
N LEU C 243 6.80 29.59 -6.25
CA LEU C 243 6.14 29.14 -7.49
C LEU C 243 5.31 30.17 -8.29
N THR C 244 5.19 29.91 -9.57
CA THR C 244 4.24 30.60 -10.43
C THR C 244 2.82 30.38 -9.99
N GLU C 245 1.91 31.13 -10.58
CA GLU C 245 0.51 30.93 -10.30
C GLU C 245 0.08 29.55 -10.79
N SER C 246 0.70 29.04 -11.83
CA SER C 246 0.26 27.76 -12.41
C SER C 246 1.10 26.61 -11.93
N GLU C 247 2.34 26.86 -11.52
CA GLU C 247 3.10 25.87 -10.79
C GLU C 247 2.31 25.64 -9.49
N TYR C 248 1.77 26.73 -8.95
CA TYR C 248 1.12 26.67 -7.67
C TYR C 248 -0.19 25.91 -7.74
N ASN C 249 -1.04 26.18 -8.71
CA ASN C 249 -2.19 25.32 -8.93
C ASN C 249 -1.85 23.85 -9.24
N ARG C 250 -0.76 23.58 -9.93
CA ARG C 250 -0.42 22.22 -10.28
C ARG C 250 -0.05 21.57 -8.95
N TYR C 251 0.52 22.38 -8.09
CA TYR C 251 0.98 21.93 -6.80
C TYR C 251 -0.18 21.55 -5.94
N LYS C 252 -1.20 22.38 -5.87
CA LYS C 252 -2.39 22.07 -5.10
C LYS C 252 -2.98 20.76 -5.63
N GLU C 253 -2.86 20.48 -6.93
CA GLU C 253 -3.48 19.28 -7.47
C GLU C 253 -2.62 18.04 -7.18
N ASN C 254 -1.31 18.24 -7.11
CA ASN C 254 -0.42 17.16 -6.78
C ASN C 254 -0.54 16.80 -5.31
N LEU C 255 -1.01 17.72 -4.48
CA LEU C 255 -1.06 17.44 -3.07
C LEU C 255 -2.10 16.31 -2.90
N VAL C 256 -3.25 16.44 -3.55
CA VAL C 256 -4.32 15.52 -3.37
C VAL C 256 -3.78 14.16 -3.84
N LEU C 257 -3.05 14.21 -4.94
CA LEU C 257 -2.63 12.99 -5.55
C LEU C 257 -1.47 12.36 -4.85
N ILE C 258 -0.75 13.07 -3.99
CA ILE C 258 0.47 12.48 -3.51
C ILE C 258 0.57 12.50 -2.04
N ASP C 259 0.35 13.66 -1.40
CA ASP C 259 0.40 13.79 0.03
C ASP C 259 -0.80 13.12 0.67
N PHE C 260 -0.55 12.11 1.50
CA PHE C 260 -1.64 11.39 2.17
C PHE C 260 -2.46 12.19 3.18
N ASP C 261 -1.87 13.25 3.72
CA ASP C 261 -2.62 14.25 4.51
C ASP C 261 -3.86 14.81 3.77
N TYR C 262 -3.85 14.73 2.45
CA TYR C 262 -4.94 15.32 1.70
C TYR C 262 -6.03 14.36 1.33
N ILE C 263 -5.90 13.12 1.73
CA ILE C 263 -7.05 12.23 1.64
C ILE C 263 -8.27 12.91 2.31
N PRO C 264 -9.42 12.98 1.64
CA PRO C 264 -10.57 13.54 2.23
C PRO C 264 -10.81 12.97 3.60
N ASP C 265 -11.21 13.79 4.57
CA ASP C 265 -11.54 13.24 5.89
C ASP C 265 -12.60 12.17 5.82
N ASN C 266 -13.68 12.46 5.05
CA ASN C 266 -14.83 11.57 4.93
C ASN C 266 -14.32 10.22 4.64
N ILE C 267 -13.34 10.15 3.72
CA ILE C 267 -12.69 8.88 3.37
C ILE C 267 -11.95 8.22 4.53
N ALA C 268 -11.26 9.01 5.35
CA ALA C 268 -10.54 8.48 6.50
C ALA C 268 -11.50 7.88 7.57
N SER C 269 -12.72 8.42 7.69
CA SER C 269 -13.71 7.82 8.63
C SER C 269 -14.20 6.57 7.97
N ASN C 270 -14.52 6.67 6.69
CA ASN C 270 -15.16 5.56 6.04
C ASN C 270 -14.28 4.35 6.14
N ILE C 271 -12.97 4.58 6.10
CA ILE C 271 -11.97 3.52 6.23
C ILE C 271 -11.88 2.99 7.67
N VAL C 272 -11.94 3.87 8.64
CA VAL C 272 -11.70 3.47 10.03
C VAL C 272 -12.98 2.79 10.56
N ASN C 273 -14.13 3.26 10.05
CA ASN C 273 -15.41 2.64 10.35
C ASN C 273 -15.42 1.16 9.89
N TYR C 274 -15.02 0.96 8.64
CA TYR C 274 -14.94 -0.37 8.07
C TYR C 274 -14.07 -1.23 8.97
N TYR C 275 -12.99 -0.66 9.48
CA TYR C 275 -12.00 -1.44 10.21
C TYR C 275 -12.41 -1.67 11.65
N ASN C 276 -12.86 -0.61 12.33
CA ASN C 276 -13.35 -0.82 13.69
C ASN C 276 -14.42 -1.91 13.66
N SER C 277 -15.34 -1.84 12.71
CA SER C 277 -16.44 -2.76 12.71
C SER C 277 -16.19 -3.97 11.79
N TYR C 278 -14.95 -4.44 11.68
CA TYR C 278 -14.73 -5.50 10.69
C TYR C 278 -15.09 -6.82 11.33
N LYS C 279 -15.58 -7.73 10.48
CA LYS C 279 -16.21 -9.01 10.85
C LYS C 279 -15.24 -10.20 11.13
N LEU C 280 -14.34 -10.10 12.11
CA LEU C 280 -13.22 -11.06 12.12
C LEU C 280 -13.62 -12.51 12.42
N PRO C 281 -13.45 -13.47 11.45
CA PRO C 281 -13.82 -14.89 11.68
C PRO C 281 -12.91 -15.72 12.63
N PRO C 282 -13.46 -16.87 13.10
CA PRO C 282 -12.95 -17.65 14.24
C PRO C 282 -11.65 -18.35 13.92
N ARG C 283 -10.70 -18.28 14.85
CA ARG C 283 -9.41 -18.97 14.71
C ARG C 283 -9.57 -20.51 14.68
N GLY C 284 -10.22 -21.02 13.65
CA GLY C 284 -10.56 -22.44 13.60
C GLY C 284 -11.08 -22.85 12.25
N LYS C 285 -11.74 -21.89 11.56
CA LYS C 285 -12.12 -22.04 10.15
C LYS C 285 -10.88 -22.20 9.23
N ILE C 286 -9.73 -21.80 9.74
CA ILE C 286 -8.47 -21.98 9.03
C ILE C 286 -8.27 -23.44 8.64
N TYR C 287 -8.39 -24.35 9.59
CA TYR C 287 -8.08 -25.77 9.36
C TYR C 287 -9.06 -26.41 8.37
N SER C 288 -10.25 -25.84 8.20
CA SER C 288 -11.28 -26.39 7.33
C SER C 288 -11.43 -25.63 6.02
N TYR C 289 -10.38 -24.92 5.62
CA TYR C 289 -10.40 -24.22 4.35
C TYR C 289 -9.25 -24.79 3.53
N PHE C 290 -8.18 -25.07 4.26
CA PHE C 290 -7.06 -25.78 3.74
C PHE C 290 -7.55 -27.07 3.10
N VAL C 291 -8.29 -27.83 3.90
CA VAL C 291 -8.93 -29.04 3.43
C VAL C 291 -9.99 -28.72 2.36
N LYS C 292 -10.96 -27.88 2.67
CA LYS C 292 -11.88 -27.41 1.63
C LYS C 292 -11.23 -27.32 0.25
N ALA C 293 -10.03 -26.73 0.17
CA ALA C 293 -9.51 -26.30 -1.14
C ALA C 293 -8.56 -27.32 -1.75
N GLY C 294 -7.58 -27.73 -0.93
CA GLY C 294 -6.58 -28.75 -1.30
C GLY C 294 -5.23 -28.53 -0.63
N LEU C 295 -5.22 -27.64 0.35
CA LEU C 295 -3.99 -27.31 1.01
C LEU C 295 -3.77 -28.29 2.13
N SER C 296 -3.35 -29.50 1.75
CA SER C 296 -3.12 -30.58 2.73
C SER C 296 -1.87 -30.25 3.51
N LYS C 297 -0.75 -30.17 2.78
CA LYS C 297 0.60 -29.87 3.27
C LYS C 297 0.76 -28.69 4.28
N LEU C 298 -0.35 -28.05 4.63
CA LEU C 298 -0.29 -26.85 5.45
C LEU C 298 -0.89 -27.03 6.83
N THR C 299 -1.89 -27.90 6.92
CA THR C 299 -2.46 -28.17 8.22
C THR C 299 -1.32 -28.29 9.26
N ASN C 300 -0.22 -28.96 8.91
CA ASN C 300 0.82 -29.30 9.88
C ASN C 300 1.74 -28.16 10.42
N SER C 301 1.57 -26.98 9.82
CA SER C 301 2.13 -25.70 10.31
C SER C 301 1.09 -24.55 10.19
N ILE C 302 0.33 -24.31 11.26
CA ILE C 302 -0.82 -23.40 11.22
C ILE C 302 -0.88 -22.37 12.35
N ASN C 303 -0.30 -22.69 13.49
CA ASN C 303 -0.17 -21.68 14.54
C ASN C 303 0.85 -20.64 14.16
N GLU C 304 1.18 -20.65 12.88
CA GLU C 304 2.13 -19.74 12.26
C GLU C 304 1.45 -18.44 11.72
N PHE C 305 0.11 -18.42 11.79
CA PHE C 305 -0.74 -17.26 11.46
C PHE C 305 -1.23 -16.46 12.70
#